data_5ANK
#
_entry.id   5ANK
#
_cell.length_a   69.052
_cell.length_b   51.728
_cell.length_c   71.265
_cell.angle_alpha   90.00
_cell.angle_beta   90.00
_cell.angle_gamma   90.00
#
_symmetry.space_group_name_H-M   'P 21 21 21'
#
loop_
_entity.id
_entity.type
_entity.pdbx_description
1 polymer 'CYCLIN-DEPENDENT KINASE 2'
2 non-polymer 2,4,6-TRIOXO-1-PHENYL-HEXAHYDROPYRIMIDINE-5-CARBOXAMIDE
3 water water
#
_entity_poly.entity_id   1
_entity_poly.type   'polypeptide(L)'
_entity_poly.pdbx_seq_one_letter_code
;MENFQKVEKIGEGTYGVVYKARNKLTGEVVALKKIRLDTETEGVPSTAIREISLLKELNHPNIVKLLDVIHTENKLYLVF
EFLHQDLKKFMDASALTGIPLPLIKSYLFQLLQGLAFCHSHRVLHRDLKPQNLLINTEGAIKLADFGLARAFGVPVRTYT
HEVVTLWYRAPEILLGCKYYSTAVDIWSLGCIFAEMVTRRALFPGDSEIDQLFRIFRTLGTPDEVVWPGVTSMPDYKPSF
PKWARQDFSKVVPPLDEDGRSLLSQMLHYDPNKRISAKAALAHPFFQDVTKPVPHLRL
;
_entity_poly.pdbx_strand_id   A
#
loop_
_chem_comp.id
_chem_comp.type
_chem_comp.name
_chem_comp.formula
RJI non-polymer 2,4,6-TRIOXO-1-PHENYL-HEXAHYDROPYRIMIDINE-5-CARBOXAMIDE 'C11 H9 N3 O4'
#
# COMPACT_ATOMS: atom_id res chain seq x y z
N MET A 1 -21.26 4.39 -18.74
CA MET A 1 -22.03 5.67 -18.95
C MET A 1 -21.84 6.20 -20.38
N GLU A 2 -22.70 7.13 -20.81
CA GLU A 2 -22.83 7.41 -22.26
C GLU A 2 -21.53 7.85 -22.96
N ASN A 3 -20.67 8.59 -22.26
CA ASN A 3 -19.34 8.97 -22.80
C ASN A 3 -18.37 7.81 -23.13
N PHE A 4 -18.64 6.62 -22.61
CA PHE A 4 -17.70 5.50 -22.57
C PHE A 4 -18.25 4.20 -23.15
N GLN A 5 -17.37 3.37 -23.72
CA GLN A 5 -17.77 2.00 -24.03
C GLN A 5 -16.89 1.02 -23.27
N LYS A 6 -17.54 0.14 -22.50
CA LYS A 6 -16.83 -0.78 -21.65
C LYS A 6 -16.14 -1.70 -22.62
N VAL A 7 -14.86 -1.95 -22.37
CA VAL A 7 -14.08 -2.77 -23.27
C VAL A 7 -13.95 -4.20 -22.77
N GLU A 8 -13.75 -4.34 -21.46
CA GLU A 8 -13.46 -5.62 -20.80
C GLU A 8 -13.59 -5.42 -19.31
N LYS A 9 -14.08 -6.43 -18.59
CA LYS A 9 -13.99 -6.43 -17.13
C LYS A 9 -12.54 -6.71 -16.73
N ILE A 10 -11.92 -5.83 -15.96
CA ILE A 10 -10.56 -6.05 -15.45
C ILE A 10 -10.63 -6.98 -14.27
N GLY A 11 -11.54 -6.70 -13.38
CA GLY A 11 -11.66 -7.45 -12.14
C GLY A 11 -12.57 -6.73 -11.17
N GLU A 12 -12.22 -6.78 -9.89
CA GLU A 12 -13.07 -6.30 -8.80
C GLU A 12 -12.26 -5.63 -7.69
N GLY A 13 -12.93 -5.35 -6.59
CA GLY A 13 -12.37 -4.55 -5.52
C GLY A 13 -13.39 -4.29 -4.43
N THR A 14 -12.94 -3.62 -3.40
CA THR A 14 -13.74 -3.36 -2.22
C THR A 14 -14.85 -2.35 -2.55
N TYR A 15 -14.69 -1.68 -3.69
CA TYR A 15 -15.55 -0.56 -4.03
C TYR A 15 -16.56 -0.96 -5.12
N GLY A 16 -16.11 -1.83 -6.02
CA GLY A 16 -17.01 -2.51 -6.94
C GLY A 16 -16.27 -3.20 -8.09
N VAL A 17 -16.98 -3.43 -9.18
CA VAL A 17 -16.38 -3.99 -10.40
C VAL A 17 -15.58 -2.93 -11.17
N VAL A 18 -14.46 -3.39 -11.74
CA VAL A 18 -13.54 -2.54 -12.53
C VAL A 18 -13.53 -2.98 -13.97
N TYR A 19 -13.71 -1.99 -14.85
CA TYR A 19 -13.73 -2.22 -16.28
C TYR A 19 -12.68 -1.35 -17.01
N LYS A 20 -12.20 -1.89 -18.13
CA LYS A 20 -11.41 -1.15 -19.07
C LYS A 20 -12.44 -0.58 -20.01
N ALA A 21 -12.40 0.72 -20.23
CA ALA A 21 -13.39 1.42 -21.01
C ALA A 21 -12.71 2.41 -21.93
N ARG A 22 -13.39 2.75 -23.04
CA ARG A 22 -12.87 3.71 -24.02
C ARG A 22 -13.77 4.92 -24.06
N ASN A 23 -13.18 6.08 -23.82
CA ASN A 23 -13.94 7.32 -23.95
C ASN A 23 -14.24 7.52 -25.41
N LYS A 24 -15.51 7.58 -25.75
CA LYS A 24 -15.88 7.71 -27.14
C LYS A 24 -15.68 9.13 -27.67
N LEU A 25 -15.94 10.15 -26.84
CA LEU A 25 -15.62 11.53 -27.24
C LEU A 25 -14.14 11.52 -27.72
N THR A 26 -13.20 11.04 -26.90
CA THR A 26 -11.74 11.19 -27.16
C THR A 26 -10.89 9.95 -27.44
N GLY A 27 -11.48 8.77 -27.49
CA GLY A 27 -10.65 7.56 -27.62
C GLY A 27 -9.64 7.20 -26.52
N GLU A 28 -9.64 7.94 -25.43
CA GLU A 28 -8.72 7.59 -24.37
C GLU A 28 -9.24 6.32 -23.70
N VAL A 29 -8.33 5.43 -23.31
CA VAL A 29 -8.68 4.28 -22.52
C VAL A 29 -8.55 4.62 -21.04
N VAL A 30 -9.57 4.23 -20.28
CA VAL A 30 -9.67 4.56 -18.86
C VAL A 30 -10.07 3.32 -18.11
N ALA A 31 -9.90 3.40 -16.79
CA ALA A 31 -10.46 2.43 -15.86
C ALA A 31 -11.76 3.00 -15.24
N LEU A 32 -12.82 2.20 -15.31
CA LEU A 32 -14.13 2.64 -14.86
C LEU A 32 -14.51 1.75 -13.68
N LYS A 33 -14.73 2.38 -12.55
CA LYS A 33 -14.99 1.68 -11.33
C LYS A 33 -16.42 2.03 -10.92
N LYS A 34 -17.31 1.04 -11.04
CA LYS A 34 -18.69 1.11 -10.55
C LYS A 34 -18.71 0.91 -9.03
N ILE A 35 -19.19 1.90 -8.28
CA ILE A 35 -19.20 1.82 -6.82
C ILE A 35 -20.51 1.19 -6.41
N ARG A 36 -20.48 0.40 -5.33
CA ARG A 36 -21.65 -0.34 -4.84
C ARG A 36 -23.05 0.37 -4.92
N SER A 46 -23.26 13.02 0.19
CA SER A 46 -22.64 14.26 -0.29
C SER A 46 -21.22 14.47 0.26
N THR A 47 -21.00 14.03 1.48
CA THR A 47 -19.67 14.19 2.08
C THR A 47 -18.71 13.21 1.39
N ALA A 48 -19.26 12.12 0.87
CA ALA A 48 -18.47 11.17 0.09
C ALA A 48 -18.06 11.82 -1.21
N ILE A 49 -19.01 12.32 -2.00
CA ILE A 49 -18.68 12.92 -3.30
C ILE A 49 -17.82 14.18 -3.11
N ARG A 50 -18.10 14.96 -2.05
CA ARG A 50 -17.18 16.04 -1.69
C ARG A 50 -15.78 15.46 -1.58
N GLU A 51 -15.63 14.43 -0.75
CA GLU A 51 -14.30 13.91 -0.43
C GLU A 51 -13.65 13.31 -1.65
N ILE A 52 -14.42 12.53 -2.40
CA ILE A 52 -13.93 11.86 -3.58
C ILE A 52 -13.45 12.94 -4.56
N SER A 53 -14.17 14.06 -4.60
CA SER A 53 -13.89 15.12 -5.55
C SER A 53 -12.62 15.88 -5.30
N LEU A 54 -12.34 16.15 -4.03
CA LEU A 54 -11.05 16.66 -3.60
C LEU A 54 -9.91 15.79 -4.10
N LEU A 55 -10.16 14.51 -4.30
CA LEU A 55 -9.13 13.61 -4.79
C LEU A 55 -8.75 13.92 -6.23
N LYS A 56 -9.62 14.61 -6.99
CA LYS A 56 -9.32 14.97 -8.35
C LYS A 56 -8.15 15.92 -8.40
N GLU A 57 -7.99 16.73 -7.37
CA GLU A 57 -6.91 17.74 -7.29
C GLU A 57 -5.60 17.23 -6.69
N LEU A 58 -5.53 15.94 -6.39
CA LEU A 58 -4.36 15.34 -5.78
C LEU A 58 -3.58 14.66 -6.86
N ASN A 59 -2.88 15.47 -7.63
CA ASN A 59 -2.13 14.96 -8.76
C ASN A 59 -0.63 14.87 -8.53
N HIS A 60 -0.13 13.68 -8.76
CA HIS A 60 1.25 13.38 -8.52
C HIS A 60 1.53 12.25 -9.45
N PRO A 61 2.75 12.17 -9.98
CA PRO A 61 3.03 11.11 -10.95
C PRO A 61 2.95 9.62 -10.41
N ASN A 62 3.08 9.46 -9.12
CA ASN A 62 2.99 8.14 -8.50
C ASN A 62 1.62 7.84 -7.86
N ILE A 63 0.59 8.64 -8.19
CA ILE A 63 -0.82 8.41 -7.77
C ILE A 63 -1.62 8.26 -9.02
N VAL A 64 -2.38 7.18 -9.13
CA VAL A 64 -3.28 6.96 -10.27
C VAL A 64 -4.33 8.08 -10.30
N LYS A 65 -4.39 8.77 -11.43
CA LYS A 65 -5.23 9.96 -11.55
C LYS A 65 -6.75 9.64 -11.58
N LEU A 66 -7.51 10.27 -10.70
CA LEU A 66 -8.95 10.27 -10.73
C LEU A 66 -9.38 11.37 -11.72
N LEU A 67 -10.00 10.99 -12.83
CA LEU A 67 -10.22 11.93 -13.93
C LEU A 67 -11.53 12.60 -13.77
N ASP A 68 -12.53 11.84 -13.35
CA ASP A 68 -13.80 12.45 -13.02
C ASP A 68 -14.62 11.49 -12.20
N VAL A 69 -15.68 12.04 -11.63
CA VAL A 69 -16.58 11.33 -10.75
C VAL A 69 -18.02 11.54 -11.26
N ILE A 70 -18.58 10.46 -11.78
CA ILE A 70 -19.88 10.47 -12.43
C ILE A 70 -20.91 9.95 -11.43
N HIS A 71 -21.39 10.88 -10.61
CA HIS A 71 -22.49 10.58 -9.70
C HIS A 71 -23.76 10.69 -10.56
N LEU A 76 -22.48 5.88 -8.37
CA LEU A 76 -21.12 6.34 -8.58
C LEU A 76 -20.29 5.45 -9.50
N TYR A 77 -19.66 6.11 -10.47
CA TYR A 77 -18.58 5.58 -11.27
C TYR A 77 -17.43 6.51 -11.06
N LEU A 78 -16.26 5.93 -10.85
CA LEU A 78 -15.03 6.68 -10.81
C LEU A 78 -14.28 6.29 -12.05
N VAL A 79 -13.82 7.29 -12.77
CA VAL A 79 -13.12 7.11 -14.00
C VAL A 79 -11.71 7.46 -13.61
N PHE A 80 -10.80 6.50 -13.80
CA PHE A 80 -9.41 6.67 -13.43
C PHE A 80 -8.56 6.48 -14.66
N GLU A 81 -7.36 7.05 -14.62
CA GLU A 81 -6.29 6.74 -15.53
C GLU A 81 -6.08 5.22 -15.58
N PHE A 82 -5.82 4.67 -16.75
CA PHE A 82 -5.66 3.21 -16.89
C PHE A 82 -4.21 2.69 -16.97
N LEU A 83 -3.93 1.63 -16.18
CA LEU A 83 -2.66 0.92 -16.22
C LEU A 83 -2.90 -0.56 -16.39
N HIS A 84 -1.98 -1.19 -17.12
CA HIS A 84 -2.18 -2.55 -17.60
C HIS A 84 -1.95 -3.60 -16.52
N GLN A 85 -1.04 -3.37 -15.60
CA GLN A 85 -0.68 -4.44 -14.66
C GLN A 85 -0.66 -3.90 -13.22
N ASP A 86 -0.94 -4.78 -12.26
CA ASP A 86 -0.78 -4.42 -10.85
C ASP A 86 0.34 -5.26 -10.24
N LEU A 87 0.89 -4.80 -9.12
CA LEU A 87 2.07 -5.43 -8.53
C LEU A 87 1.84 -6.90 -8.06
N LYS A 88 0.64 -7.21 -7.63
CA LYS A 88 0.32 -8.59 -7.31
C LYS A 88 0.51 -9.51 -8.54
N LYS A 89 0.07 -9.07 -9.73
CA LYS A 89 0.19 -9.89 -10.94
C LYS A 89 1.64 -10.07 -11.25
N PHE A 90 2.42 -9.00 -11.07
CA PHE A 90 3.82 -9.01 -11.35
C PHE A 90 4.61 -9.92 -10.41
N MET A 91 4.36 -9.80 -9.11
CA MET A 91 4.96 -10.69 -8.11
C MET A 91 4.64 -12.16 -8.36
N ASP A 92 3.39 -12.44 -8.74
CA ASP A 92 2.97 -13.79 -9.03
C ASP A 92 3.73 -14.30 -10.20
N ALA A 93 3.89 -13.49 -11.23
CA ALA A 93 4.71 -13.86 -12.38
C ALA A 93 6.20 -13.93 -12.05
N SER A 94 6.66 -13.15 -11.10
CA SER A 94 8.07 -13.13 -10.73
C SER A 94 8.43 -14.12 -9.59
N ALA A 95 7.51 -15.03 -9.23
CA ALA A 95 7.57 -15.81 -7.99
C ALA A 95 8.69 -16.85 -8.01
N LEU A 96 8.95 -17.39 -9.19
CA LEU A 96 10.02 -18.36 -9.36
C LEU A 96 11.37 -17.71 -9.28
N THR A 97 11.46 -16.52 -9.84
CA THR A 97 12.74 -15.85 -9.96
C THR A 97 12.96 -14.71 -8.95
N GLY A 98 11.89 -13.98 -8.64
CA GLY A 98 11.95 -12.84 -7.76
C GLY A 98 12.29 -11.54 -8.48
N ILE A 99 11.71 -10.44 -8.03
CA ILE A 99 11.92 -9.13 -8.62
C ILE A 99 13.34 -8.71 -8.28
N PRO A 100 14.09 -8.18 -9.26
CA PRO A 100 15.45 -7.78 -8.92
C PRO A 100 15.50 -6.62 -7.95
N LEU A 101 16.46 -6.66 -7.03
CA LEU A 101 16.55 -5.63 -6.09
C LEU A 101 16.44 -4.19 -6.67
N PRO A 102 17.17 -3.87 -7.75
CA PRO A 102 17.11 -2.47 -8.23
C PRO A 102 15.70 -2.03 -8.54
N LEU A 103 14.88 -2.94 -9.04
CA LEU A 103 13.49 -2.63 -9.30
C LEU A 103 12.63 -2.49 -8.02
N ILE A 104 12.87 -3.36 -7.06
CA ILE A 104 12.18 -3.26 -5.75
C ILE A 104 12.48 -1.90 -5.15
N LYS A 105 13.73 -1.51 -5.21
CA LYS A 105 14.15 -0.25 -4.65
C LYS A 105 13.53 0.94 -5.37
N SER A 106 13.56 0.93 -6.70
CA SER A 106 12.89 1.98 -7.47
C SER A 106 11.40 2.10 -7.13
N TYR A 107 10.69 0.99 -7.10
CA TYR A 107 9.27 0.97 -6.74
C TYR A 107 8.99 1.50 -5.33
N LEU A 108 9.77 1.00 -4.35
CA LEU A 108 9.65 1.50 -2.99
C LEU A 108 9.87 3.01 -2.95
N PHE A 109 10.88 3.49 -3.67
CA PHE A 109 11.23 4.90 -3.64
C PHE A 109 10.07 5.73 -4.21
N GLN A 110 9.51 5.25 -5.31
CA GLN A 110 8.42 5.91 -6.00
C GLN A 110 7.16 5.95 -5.14
N LEU A 111 6.84 4.84 -4.50
CA LEU A 111 5.68 4.76 -3.60
C LEU A 111 5.81 5.67 -2.37
N LEU A 112 7.03 5.74 -1.83
CA LEU A 112 7.38 6.73 -0.80
C LEU A 112 7.24 8.19 -1.24
N GLN A 113 7.54 8.45 -2.48
CA GLN A 113 7.30 9.79 -3.03
C GLN A 113 5.82 10.10 -3.11
N GLY A 114 5.04 9.13 -3.58
CA GLY A 114 3.62 9.39 -3.68
C GLY A 114 3.05 9.55 -2.29
N LEU A 115 3.44 8.66 -1.36
CA LEU A 115 2.91 8.77 -0.01
C LEU A 115 3.25 10.12 0.62
N ALA A 116 4.50 10.56 0.46
CA ALA A 116 4.96 11.81 1.07
C ALA A 116 4.16 13.01 0.55
N PHE A 117 3.90 13.03 -0.73
CA PHE A 117 2.93 13.94 -1.34
C PHE A 117 1.52 13.91 -0.72
N CYS A 118 0.85 12.76 -0.72
CA CYS A 118 -0.49 12.70 -0.20
C CYS A 118 -0.51 13.03 1.27
N HIS A 119 0.44 12.50 2.01
CA HIS A 119 0.59 12.77 3.45
C HIS A 119 0.83 14.23 3.81
N SER A 120 1.59 14.91 2.96
CA SER A 120 1.71 16.35 3.07
C SER A 120 0.37 17.11 2.88
N HIS A 121 -0.57 16.54 2.15
CA HIS A 121 -1.87 17.13 2.01
C HIS A 121 -2.88 16.51 2.96
N ARG A 122 -2.38 15.83 3.98
CA ARG A 122 -3.22 15.20 5.00
C ARG A 122 -4.19 14.16 4.45
N VAL A 123 -3.79 13.45 3.39
CA VAL A 123 -4.63 12.44 2.80
C VAL A 123 -3.88 11.12 3.00
N LEU A 124 -4.58 10.10 3.44
CA LEU A 124 -4.05 8.74 3.73
C LEU A 124 -4.69 7.80 2.75
N HIS A 125 -4.04 6.68 2.47
CA HIS A 125 -4.69 5.63 1.74
C HIS A 125 -5.54 4.74 2.60
N ARG A 126 -4.92 4.22 3.66
CA ARG A 126 -5.53 3.37 4.68
C ARG A 126 -5.83 1.95 4.22
N ASP A 127 -5.63 1.65 2.96
CA ASP A 127 -5.91 0.34 2.44
C ASP A 127 -4.89 -0.19 1.41
N LEU A 128 -3.64 0.19 1.55
CA LEU A 128 -2.61 -0.26 0.64
C LEU A 128 -2.46 -1.79 0.56
N LYS A 129 -2.36 -2.29 -0.64
CA LYS A 129 -2.06 -3.72 -0.90
C LYS A 129 -1.53 -3.85 -2.28
N PRO A 130 -0.88 -4.98 -2.59
CA PRO A 130 -0.27 -5.09 -3.92
C PRO A 130 -1.21 -4.89 -5.10
N GLN A 131 -2.46 -5.30 -4.97
CA GLN A 131 -3.45 -5.20 -6.07
C GLN A 131 -3.79 -3.76 -6.38
N ASN A 132 -3.59 -2.85 -5.42
CA ASN A 132 -3.65 -1.38 -5.52
C ASN A 132 -2.45 -0.61 -6.04
N LEU A 133 -1.38 -1.30 -6.32
CA LEU A 133 -0.16 -0.67 -6.81
C LEU A 133 -0.04 -1.07 -8.30
N LEU A 134 -0.19 -0.08 -9.16
CA LEU A 134 -0.21 -0.32 -10.62
C LEU A 134 1.09 0.04 -11.29
N ILE A 135 1.47 -0.79 -12.26
CA ILE A 135 2.76 -0.64 -12.88
C ILE A 135 2.61 -0.50 -14.42
N ASN A 136 3.55 0.22 -15.01
CA ASN A 136 3.62 0.36 -16.50
C ASN A 136 4.98 -0.10 -17.07
N THR A 137 5.16 -0.04 -18.41
CA THR A 137 6.39 -0.51 -19.02
C THR A 137 7.52 0.50 -18.86
N GLU A 138 7.18 1.71 -18.47
CA GLU A 138 8.15 2.77 -18.36
C GLU A 138 8.90 2.72 -17.03
N GLY A 139 8.56 1.75 -16.19
CA GLY A 139 9.18 1.65 -14.87
C GLY A 139 8.44 2.37 -13.75
N ALA A 140 7.26 2.94 -14.01
CA ALA A 140 6.54 3.67 -13.01
C ALA A 140 5.69 2.72 -12.19
N ILE A 141 5.44 3.11 -10.95
CA ILE A 141 4.44 2.44 -10.16
C ILE A 141 3.63 3.53 -9.48
N LYS A 142 2.31 3.32 -9.38
CA LYS A 142 1.36 4.30 -8.94
C LYS A 142 0.35 3.68 -7.95
N LEU A 143 -0.06 4.54 -7.03
CA LEU A 143 -0.99 4.21 -5.94
C LEU A 143 -2.41 4.37 -6.46
N ALA A 144 -3.15 3.26 -6.52
CA ALA A 144 -4.57 3.27 -6.87
C ALA A 144 -5.53 3.31 -5.67
N ASP A 145 -6.77 3.72 -5.93
CA ASP A 145 -7.79 3.87 -4.92
C ASP A 145 -7.43 4.77 -3.72
N PHE A 146 -6.54 5.74 -3.94
CA PHE A 146 -6.00 6.58 -2.86
C PHE A 146 -7.09 7.48 -2.31
N GLY A 147 -7.37 7.42 -1.04
CA GLY A 147 -8.40 8.29 -0.43
C GLY A 147 -9.81 7.75 -0.40
N LEU A 148 -10.06 6.67 -1.15
CA LEU A 148 -11.43 6.20 -1.32
C LEU A 148 -11.97 5.65 0.00
N ALA A 149 -11.07 5.13 0.85
CA ALA A 149 -11.55 4.57 2.12
C ALA A 149 -12.22 5.63 3.01
N ARG A 150 -11.50 6.70 3.36
CA ARG A 150 -12.07 7.89 4.06
C ARG A 150 -13.31 8.43 3.33
N ALA A 151 -13.26 8.56 2.01
CA ALA A 151 -14.41 9.06 1.23
C ALA A 151 -15.73 8.25 1.38
N PHE A 152 -15.62 6.96 1.70
CA PHE A 152 -16.77 6.10 2.00
C PHE A 152 -16.73 5.73 3.50
N THR A 165 -7.14 -9.39 3.15
CA THR A 165 -7.00 -7.90 3.03
C THR A 165 -6.58 -7.22 4.35
N LEU A 166 -6.74 -7.92 5.46
CA LEU A 166 -6.05 -7.59 6.71
C LEU A 166 -4.57 -7.63 6.62
N TRP A 167 -4.02 -8.24 5.57
CA TRP A 167 -2.63 -8.64 5.63
C TRP A 167 -1.70 -7.45 5.79
N TYR A 168 -2.17 -6.26 5.34
CA TYR A 168 -1.33 -5.07 5.30
C TYR A 168 -1.72 -4.03 6.36
N ARG A 169 -2.62 -4.43 7.25
CA ARG A 169 -3.23 -3.54 8.25
C ARG A 169 -2.28 -3.28 9.43
N ALA A 170 -2.08 -1.99 9.74
CA ALA A 170 -1.20 -1.59 10.82
C ALA A 170 -1.80 -2.03 12.16
N PRO A 171 -0.93 -2.37 13.13
CA PRO A 171 -1.36 -2.92 14.43
C PRO A 171 -2.28 -1.92 15.24
N GLU A 172 -2.07 -0.61 15.11
CA GLU A 172 -2.94 0.38 15.75
C GLU A 172 -4.36 0.26 15.30
N ILE A 173 -4.58 0.00 14.00
CA ILE A 173 -5.91 -0.19 13.52
C ILE A 173 -6.51 -1.49 14.04
N LEU A 174 -5.72 -2.57 14.05
CA LEU A 174 -6.22 -3.88 14.52
C LEU A 174 -6.52 -3.85 16.04
N LEU A 175 -5.83 -2.96 16.77
CA LEU A 175 -6.08 -2.79 18.22
C LEU A 175 -7.11 -1.73 18.57
N GLY A 176 -7.75 -1.18 17.54
CA GLY A 176 -8.94 -0.35 17.69
C GLY A 176 -8.69 1.14 17.77
N CYS A 177 -7.50 1.62 17.41
CA CYS A 177 -7.27 3.05 17.47
C CYS A 177 -8.30 3.75 16.53
N LYS A 178 -8.98 4.78 17.03
CA LYS A 178 -9.94 5.55 16.19
C LYS A 178 -9.27 6.63 15.35
N TYR A 179 -8.19 7.17 15.85
CA TYR A 179 -7.49 8.31 15.21
C TYR A 179 -6.11 7.89 14.68
N TYR A 180 -6.08 6.83 13.88
CA TYR A 180 -4.82 6.46 13.25
C TYR A 180 -4.41 7.56 12.22
N SER A 181 -3.13 7.55 11.93
CA SER A 181 -2.43 8.55 11.17
C SER A 181 -1.81 8.00 9.88
N THR A 182 -0.97 8.81 9.29
CA THR A 182 -0.37 8.52 8.01
C THR A 182 0.59 7.34 8.15
N ALA A 183 1.12 7.14 9.37
CA ALA A 183 1.86 5.95 9.75
C ALA A 183 1.32 4.62 9.28
N VAL A 184 0.02 4.52 9.18
CA VAL A 184 -0.61 3.26 8.78
C VAL A 184 -0.22 2.87 7.37
N ASP A 185 0.00 3.90 6.52
CA ASP A 185 0.42 3.60 5.17
C ASP A 185 1.87 3.18 5.08
N ILE A 186 2.72 3.68 5.96
CA ILE A 186 4.10 3.24 6.00
C ILE A 186 4.19 1.78 6.41
N TRP A 187 3.39 1.39 7.43
CA TRP A 187 3.33 -0.02 7.78
C TRP A 187 2.96 -0.90 6.59
N SER A 188 1.92 -0.53 5.86
CA SER A 188 1.38 -1.31 4.75
C SER A 188 2.46 -1.46 3.70
N LEU A 189 3.16 -0.35 3.44
CA LEU A 189 4.21 -0.35 2.45
C LEU A 189 5.43 -1.20 2.92
N GLY A 190 5.76 -1.15 4.22
CA GLY A 190 6.72 -2.12 4.85
C GLY A 190 6.43 -3.52 4.51
N CYS A 191 5.19 -3.93 4.72
CA CYS A 191 4.74 -5.26 4.48
C CYS A 191 4.87 -5.67 3.01
N ILE A 192 4.47 -4.77 2.11
CA ILE A 192 4.71 -4.96 0.67
C ILE A 192 6.17 -5.08 0.27
N PHE A 193 7.02 -4.19 0.78
CA PHE A 193 8.48 -4.24 0.57
C PHE A 193 9.03 -5.61 0.97
N ALA A 194 8.67 -6.08 2.16
CA ALA A 194 9.05 -7.45 2.59
C ALA A 194 8.56 -8.56 1.66
N GLU A 195 7.32 -8.42 1.16
CA GLU A 195 6.72 -9.37 0.21
C GLU A 195 7.44 -9.40 -1.14
N MET A 196 7.88 -8.23 -1.62
CA MET A 196 8.62 -8.20 -2.90
C MET A 196 9.92 -8.94 -2.73
N VAL A 197 10.58 -8.76 -1.58
CA VAL A 197 11.89 -9.34 -1.32
C VAL A 197 11.80 -10.87 -1.12
N THR A 198 10.81 -11.33 -0.34
CA THR A 198 10.78 -12.73 0.06
C THR A 198 9.92 -13.61 -0.83
N ARG A 199 9.06 -12.98 -1.65
CA ARG A 199 8.18 -13.65 -2.53
C ARG A 199 7.11 -14.41 -1.75
N ARG A 200 6.78 -13.87 -0.59
CA ARG A 200 5.79 -14.41 0.26
C ARG A 200 5.22 -13.24 1.10
N ALA A 201 3.91 -13.25 1.32
CA ALA A 201 3.30 -12.29 2.22
C ALA A 201 3.81 -12.48 3.62
N LEU A 202 4.19 -11.36 4.23
CA LEU A 202 4.79 -11.33 5.54
C LEU A 202 3.74 -11.83 6.61
N PHE A 203 2.52 -11.29 6.58
CA PHE A 203 1.47 -11.55 7.61
C PHE A 203 0.12 -11.89 7.04
N PRO A 204 -0.04 -13.08 6.48
CA PRO A 204 -1.21 -13.53 5.78
C PRO A 204 -2.48 -14.03 6.64
N GLY A 205 -3.01 -13.11 7.47
CA GLY A 205 -4.07 -13.39 8.42
C GLY A 205 -5.44 -13.71 7.87
N ASP A 206 -6.14 -14.61 8.55
CA ASP A 206 -7.55 -14.90 8.18
C ASP A 206 -8.58 -14.20 9.09
N SER A 207 -8.12 -13.72 10.26
CA SER A 207 -8.96 -13.01 11.28
C SER A 207 -8.16 -11.85 11.83
N GLU A 208 -8.80 -10.88 12.51
CA GLU A 208 -8.04 -9.79 13.12
C GLU A 208 -7.09 -10.28 14.16
N ILE A 209 -7.52 -11.30 14.91
CA ILE A 209 -6.71 -11.84 15.96
C ILE A 209 -5.56 -12.65 15.36
N ASP A 210 -5.86 -13.38 14.30
CA ASP A 210 -4.81 -14.18 13.61
C ASP A 210 -3.80 -13.26 12.92
N GLN A 211 -4.33 -12.19 12.32
CA GLN A 211 -3.45 -11.08 11.83
C GLN A 211 -2.53 -10.57 12.92
N LEU A 212 -3.09 -10.29 14.07
CA LEU A 212 -2.32 -9.71 15.11
C LEU A 212 -1.34 -10.73 15.69
N PHE A 213 -1.76 -11.98 15.79
CA PHE A 213 -0.83 -12.98 16.33
C PHE A 213 0.31 -13.28 15.34
N ARG A 214 0.01 -13.24 14.04
CA ARG A 214 1.11 -13.40 13.05
C ARG A 214 2.13 -12.34 13.20
N ILE A 215 1.65 -11.11 13.34
CA ILE A 215 2.53 -9.95 13.65
C ILE A 215 3.33 -10.14 14.92
N PHE A 216 2.67 -10.46 16.03
CA PHE A 216 3.35 -10.64 17.32
C PHE A 216 4.36 -11.80 17.27
N ARG A 217 3.98 -12.91 16.66
CA ARG A 217 4.90 -14.05 16.53
C ARG A 217 6.15 -13.62 15.78
N THR A 218 6.09 -12.53 14.99
CA THR A 218 7.26 -12.09 14.23
C THR A 218 8.08 -11.01 14.90
N LEU A 219 7.41 -9.95 15.34
CA LEU A 219 8.07 -8.81 15.92
C LEU A 219 7.98 -8.85 17.44
N GLY A 220 7.29 -9.89 17.94
CA GLY A 220 7.07 -10.02 19.37
C GLY A 220 5.84 -9.25 19.82
N THR A 221 5.28 -9.67 20.94
CA THR A 221 4.05 -9.09 21.44
C THR A 221 4.41 -7.73 21.98
N PRO A 222 3.66 -6.66 21.52
CA PRO A 222 4.04 -5.30 21.96
C PRO A 222 3.67 -5.09 23.41
N ASP A 223 4.41 -4.20 24.04
CA ASP A 223 4.09 -3.73 25.40
C ASP A 223 4.57 -2.31 25.53
N GLU A 224 4.47 -1.71 26.73
CA GLU A 224 4.79 -0.30 26.92
C GLU A 224 6.22 0.03 26.68
N VAL A 225 7.08 -0.99 26.67
CA VAL A 225 8.53 -0.76 26.44
C VAL A 225 8.71 -0.22 25.01
N VAL A 226 8.17 -0.98 24.07
CA VAL A 226 8.32 -0.72 22.66
C VAL A 226 7.21 0.18 22.08
N TRP A 227 6.05 0.16 22.72
CA TRP A 227 4.94 0.96 22.23
C TRP A 227 4.26 1.70 23.41
N PRO A 228 4.74 2.89 23.75
CA PRO A 228 4.14 3.59 24.86
C PRO A 228 2.68 3.87 24.63
N GLY A 229 1.84 3.51 25.60
CA GLY A 229 0.39 3.61 25.49
C GLY A 229 -0.38 2.46 24.86
N VAL A 230 0.33 1.45 24.33
CA VAL A 230 -0.34 0.32 23.69
C VAL A 230 -1.39 -0.32 24.59
N THR A 231 -1.07 -0.35 25.90
CA THR A 231 -1.88 -1.09 26.91
C THR A 231 -3.19 -0.38 27.17
N SER A 232 -3.32 0.85 26.65
CA SER A 232 -4.53 1.64 26.75
C SER A 232 -5.38 1.56 25.49
N MET A 233 -4.91 0.87 24.45
CA MET A 233 -5.65 0.75 23.19
C MET A 233 -6.98 0.04 23.38
N PRO A 234 -7.96 0.38 22.56
CA PRO A 234 -9.27 -0.21 22.87
C PRO A 234 -9.33 -1.74 22.88
N ASP A 235 -8.63 -2.41 21.98
CA ASP A 235 -8.67 -3.86 21.90
C ASP A 235 -7.45 -4.60 22.44
N TYR A 236 -6.64 -3.91 23.22
CA TYR A 236 -5.51 -4.53 23.80
C TYR A 236 -5.98 -5.37 24.95
N LYS A 237 -5.36 -6.54 25.08
CA LYS A 237 -5.68 -7.54 26.15
C LYS A 237 -4.39 -7.90 26.86
N PRO A 238 -4.35 -7.69 28.18
CA PRO A 238 -3.22 -8.16 28.97
C PRO A 238 -2.95 -9.64 28.79
N SER A 239 -3.94 -10.42 28.38
CA SER A 239 -3.76 -11.85 28.22
C SER A 239 -3.19 -12.29 26.84
N PHE A 240 -2.80 -11.35 26.00
CA PHE A 240 -2.17 -11.71 24.74
C PHE A 240 -0.96 -12.64 25.01
N PRO A 241 -0.86 -13.73 24.24
CA PRO A 241 0.35 -14.52 24.41
C PRO A 241 1.54 -13.64 24.17
N LYS A 242 2.58 -13.92 24.96
CA LYS A 242 3.81 -13.16 24.90
C LYS A 242 4.85 -13.94 24.05
N TRP A 243 5.14 -13.39 22.87
CA TRP A 243 6.17 -13.90 21.94
C TRP A 243 7.34 -12.97 21.92
N ALA A 244 8.53 -13.55 21.83
CA ALA A 244 9.75 -12.84 21.68
C ALA A 244 9.93 -12.36 20.22
N ARG A 245 10.61 -11.24 20.08
CA ARG A 245 10.90 -10.70 18.76
C ARG A 245 11.86 -11.61 17.95
N GLN A 246 11.61 -11.73 16.66
CA GLN A 246 12.58 -12.33 15.73
C GLN A 246 13.43 -11.23 15.08
N ASP A 247 14.69 -11.59 14.80
CA ASP A 247 15.61 -10.74 14.05
C ASP A 247 15.11 -10.50 12.62
N PHE A 248 15.20 -9.26 12.14
CA PHE A 248 14.89 -8.96 10.71
C PHE A 248 15.73 -9.65 9.65
N SER A 249 16.96 -9.99 10.01
CA SER A 249 17.76 -10.87 9.14
C SER A 249 17.08 -12.21 8.92
N LYS A 250 16.30 -12.67 9.90
CA LYS A 250 15.45 -13.85 9.67
C LYS A 250 14.13 -13.59 8.88
N VAL A 251 13.61 -12.37 8.99
CA VAL A 251 12.32 -12.05 8.40
C VAL A 251 12.34 -11.71 6.89
N VAL A 252 13.38 -11.03 6.46
CA VAL A 252 13.58 -10.74 5.07
C VAL A 252 15.00 -11.12 4.59
N PRO A 253 15.41 -12.39 4.79
CA PRO A 253 16.63 -12.78 4.06
C PRO A 253 16.34 -12.70 2.53
N PRO A 254 17.33 -12.29 1.72
CA PRO A 254 18.68 -12.00 2.18
C PRO A 254 18.88 -10.53 1.99
N LEU A 255 17.84 -9.72 2.25
CA LEU A 255 17.96 -8.27 2.06
C LEU A 255 19.20 -7.77 2.84
N ASP A 256 19.94 -6.84 2.25
CA ASP A 256 21.13 -6.27 2.87
C ASP A 256 20.81 -5.38 4.08
N GLU A 257 21.84 -4.97 4.80
CA GLU A 257 21.68 -4.11 6.00
C GLU A 257 20.94 -2.84 5.82
N ASP A 258 21.18 -2.12 4.73
CA ASP A 258 20.41 -0.89 4.50
C ASP A 258 18.91 -1.20 4.36
N GLY A 259 18.59 -2.18 3.53
CA GLY A 259 17.19 -2.55 3.36
C GLY A 259 16.55 -3.00 4.65
N ARG A 260 17.26 -3.83 5.42
CA ARG A 260 16.65 -4.30 6.68
C ARG A 260 16.43 -3.19 7.68
N SER A 261 17.39 -2.29 7.74
CA SER A 261 17.32 -1.12 8.59
C SER A 261 16.11 -0.26 8.21
N LEU A 262 15.93 0.01 6.91
CA LEU A 262 14.77 0.75 6.48
C LEU A 262 13.48 0.04 6.85
N LEU A 263 13.40 -1.25 6.55
CA LEU A 263 12.22 -2.05 6.79
C LEU A 263 11.87 -2.05 8.26
N SER A 264 12.87 -2.16 9.16
CA SER A 264 12.57 -2.22 10.62
C SER A 264 11.92 -0.92 11.10
N GLN A 265 12.30 0.19 10.49
CA GLN A 265 11.74 1.54 10.81
C GLN A 265 10.35 1.81 10.26
N MET A 266 10.04 1.16 9.14
CA MET A 266 8.71 1.16 8.64
C MET A 266 7.77 0.25 9.45
N LEU A 267 8.32 -0.74 10.12
CA LEU A 267 7.51 -1.74 10.82
C LEU A 267 7.63 -1.58 12.36
N HIS A 268 8.05 -0.41 12.81
CA HIS A 268 7.98 -0.12 14.27
C HIS A 268 6.52 -0.13 14.73
N TYR A 269 6.29 -0.78 15.85
CA TYR A 269 4.99 -0.77 16.50
C TYR A 269 4.50 0.64 16.75
N ASP A 270 5.36 1.45 17.32
CA ASP A 270 4.98 2.74 17.76
C ASP A 270 4.79 3.72 16.56
N PRO A 271 3.57 4.19 16.31
CA PRO A 271 3.36 5.05 15.16
C PRO A 271 4.21 6.29 15.11
N ASN A 272 4.69 6.75 16.26
CA ASN A 272 5.53 7.95 16.31
C ASN A 272 7.00 7.71 16.14
N LYS A 273 7.42 6.49 16.41
CA LYS A 273 8.74 6.03 16.06
C LYS A 273 8.83 5.67 14.55
N ARG A 274 7.71 5.27 13.95
CA ARG A 274 7.67 4.74 12.57
C ARG A 274 8.14 5.85 11.66
N ILE A 275 9.04 5.51 10.77
CA ILE A 275 9.63 6.48 9.86
C ILE A 275 8.53 7.12 8.97
N SER A 276 8.66 8.41 8.69
CA SER A 276 7.74 9.10 7.79
C SER A 276 8.11 8.80 6.32
N ALA A 277 7.19 8.99 5.40
CA ALA A 277 7.55 8.78 3.99
C ALA A 277 8.69 9.70 3.60
N LYS A 278 8.68 10.92 4.11
CA LYS A 278 9.69 11.89 3.69
C LYS A 278 11.03 11.50 4.30
N ALA A 279 11.03 11.05 5.55
CA ALA A 279 12.27 10.55 6.19
C ALA A 279 12.88 9.33 5.49
N ALA A 280 12.01 8.40 5.12
CA ALA A 280 12.42 7.20 4.41
C ALA A 280 13.16 7.50 3.12
N LEU A 281 12.76 8.56 2.43
CA LEU A 281 13.38 8.91 1.17
C LEU A 281 14.86 9.26 1.27
N ALA A 282 15.27 9.72 2.45
CA ALA A 282 16.68 10.06 2.72
C ALA A 282 17.51 8.89 3.28
N HIS A 283 16.90 7.74 3.53
CA HIS A 283 17.62 6.58 4.05
C HIS A 283 18.74 6.12 3.08
N PRO A 284 19.87 5.60 3.61
CA PRO A 284 20.95 5.21 2.72
C PRO A 284 20.67 4.04 1.77
N PHE A 285 19.63 3.25 2.02
CA PHE A 285 19.19 2.23 1.09
C PHE A 285 18.92 2.85 -0.26
N PHE A 286 18.40 4.09 -0.29
CA PHE A 286 18.16 4.80 -1.58
C PHE A 286 19.37 5.59 -2.18
N GLN A 287 20.52 5.57 -1.51
CA GLN A 287 21.77 6.18 -2.05
C GLN A 287 21.99 5.87 -3.52
N ASP A 288 21.81 4.63 -3.92
CA ASP A 288 22.02 4.25 -5.33
C ASP A 288 20.71 3.83 -6.02
N VAL A 289 19.59 4.46 -5.68
CA VAL A 289 18.34 4.18 -6.36
C VAL A 289 18.46 4.58 -7.83
N THR A 290 17.96 3.74 -8.71
CA THR A 290 17.96 3.95 -10.13
C THR A 290 16.54 3.73 -10.58
N LYS A 291 16.26 3.82 -11.88
CA LYS A 291 14.92 3.55 -12.36
C LYS A 291 14.95 2.49 -13.47
N PRO A 292 15.07 1.18 -13.10
CA PRO A 292 15.00 0.09 -14.09
C PRO A 292 13.64 -0.08 -14.76
N VAL A 293 13.61 -0.83 -15.84
CA VAL A 293 12.39 -1.06 -16.50
C VAL A 293 12.03 -2.50 -16.34
N PRO A 294 10.75 -2.78 -16.04
CA PRO A 294 10.45 -4.17 -15.82
C PRO A 294 10.15 -4.88 -17.15
N HIS A 295 10.07 -6.20 -17.03
CA HIS A 295 9.90 -7.14 -18.11
C HIS A 295 8.41 -7.51 -18.24
N LEU A 296 7.55 -6.61 -18.69
CA LEU A 296 6.08 -6.92 -18.65
C LEU A 296 5.49 -7.72 -19.84
N ARG A 297 4.64 -8.70 -19.58
CA ARG A 297 3.89 -9.35 -20.66
C ARG A 297 2.45 -8.90 -20.58
N LEU A 298 2.06 -8.02 -21.51
CA LEU A 298 0.82 -7.21 -21.39
C LEU A 298 -0.40 -7.79 -22.09
C6 RJI B . -8.37 -4.13 -11.30
C12 RJI B . -8.57 -5.29 -10.53
C15 RJI B . -7.54 -5.76 -9.70
C11 RJI B . -6.30 -5.08 -9.63
C5 RJI B . -6.11 -3.94 -10.39
C2 RJI B . -7.12 -3.44 -11.24
N1 RJI B . -6.85 -2.29 -11.96
C3 RJI B . -7.26 -1.07 -11.49
O8 RJI B . -7.96 -1.03 -10.44
C4 RJI B . -6.15 -2.37 -13.13
O10 RJI B . -5.78 -3.46 -13.59
N9 RJI B . -5.95 -1.24 -13.90
C13 RJI B . -6.29 0.01 -13.46
O16 RJI B . -6.03 0.93 -14.24
C7 RJI B . -7.16 0.15 -12.33
C14 RJI B . -7.19 1.41 -11.62
O18 RJI B . -7.57 1.51 -10.41
N17 RJI B . -6.89 2.48 -12.43
#